data_7K1M
#
_entry.id   7K1M
#
_entity_poly.entity_id   1
_entity_poly.type   'polypeptide(L)'
_entity_poly.pdbx_seq_one_letter_code
;GCHYTPFGLICF
;
_entity_poly.pdbx_strand_id   A
#
# COMPACT_ATOMS: atom_id res chain seq x y z
N GLY A 1 -2.46 7.78 4.78
CA GLY A 1 -2.01 7.82 3.40
C GLY A 1 -1.50 6.47 2.93
N CYS A 2 -2.40 5.51 2.81
CA CYS A 2 -2.04 4.17 2.36
C CYS A 2 -2.49 3.93 0.92
N HIS A 3 -1.81 3.03 0.23
CA HIS A 3 -2.14 2.71 -1.15
C HIS A 3 -2.19 1.20 -1.36
N TYR A 4 -3.14 0.76 -2.18
CA TYR A 4 -3.30 -0.66 -2.46
C TYR A 4 -2.39 -1.10 -3.60
N THR A 5 -1.34 -1.85 -3.25
CA THR A 5 -0.38 -2.33 -4.23
C THR A 5 -0.61 -3.80 -4.55
N PRO A 6 -0.07 -4.26 -5.69
CA PRO A 6 -0.20 -5.65 -6.13
C PRO A 6 0.60 -6.61 -5.25
N PHE A 7 1.57 -6.08 -4.52
CA PHE A 7 2.40 -6.89 -3.65
C PHE A 7 1.88 -6.84 -2.21
N GLY A 8 1.31 -5.70 -1.84
CA GLY A 8 0.79 -5.54 -0.50
C GLY A 8 0.59 -4.08 -0.13
N LEU A 9 -0.52 -3.79 0.54
CA LEU A 9 -0.83 -2.44 0.96
C LEU A 9 0.32 -1.82 1.75
N ILE A 10 0.67 -0.59 1.43
CA ILE A 10 1.75 0.11 2.12
C ILE A 10 1.32 1.50 2.55
N CYS A 11 1.80 1.93 3.72
CA CYS A 11 1.47 3.25 4.23
C CYS A 11 2.73 4.02 4.61
N PHE A 12 2.71 5.32 4.38
CA PHE A 12 3.86 6.17 4.70
C PHE A 12 3.40 7.52 5.25
N GLY A 1 -1.02 8.75 3.64
CA GLY A 1 -2.09 7.83 3.30
C GLY A 1 -1.58 6.50 2.79
N CYS A 2 -2.44 5.48 2.84
CA CYS A 2 -2.07 4.15 2.38
C CYS A 2 -2.52 3.92 0.95
N HIS A 3 -1.84 3.02 0.25
CA HIS A 3 -2.17 2.70 -1.14
C HIS A 3 -2.21 1.20 -1.36
N TYR A 4 -3.17 0.75 -2.16
CA TYR A 4 -3.33 -0.68 -2.46
C TYR A 4 -2.40 -1.10 -3.59
N THR A 5 -1.35 -1.84 -3.24
CA THR A 5 -0.40 -2.32 -4.23
C THR A 5 -0.62 -3.79 -4.56
N PRO A 6 -0.08 -4.24 -5.70
CA PRO A 6 -0.21 -5.63 -6.15
C PRO A 6 0.58 -6.59 -5.28
N PHE A 7 1.56 -6.06 -4.54
CA PHE A 7 2.39 -6.88 -3.67
C PHE A 7 1.88 -6.84 -2.23
N GLY A 8 1.30 -5.69 -1.86
CA GLY A 8 0.78 -5.54 -0.50
C GLY A 8 0.57 -4.09 -0.13
N LEU A 9 -0.54 -3.81 0.55
CA LEU A 9 -0.86 -2.45 0.96
C LEU A 9 0.30 -1.85 1.76
N ILE A 10 0.65 -0.60 1.44
CA ILE A 10 1.72 0.09 2.13
C ILE A 10 1.30 1.49 2.56
N CYS A 11 1.77 1.92 3.73
CA CYS A 11 1.44 3.23 4.26
C CYS A 11 2.70 4.00 4.64
N PHE A 12 2.66 5.31 4.44
CA PHE A 12 3.81 6.16 4.77
C PHE A 12 3.35 7.50 5.33
N GLY A 1 -1.23 8.35 4.47
CA GLY A 1 -2.02 7.84 3.37
C GLY A 1 -1.51 6.49 2.88
N CYS A 2 -2.40 5.51 2.82
CA CYS A 2 -2.04 4.17 2.37
C CYS A 2 -2.49 3.94 0.92
N HIS A 3 -1.81 3.03 0.24
CA HIS A 3 -2.14 2.72 -1.15
C HIS A 3 -2.19 1.21 -1.37
N TYR A 4 -3.14 0.77 -2.19
CA TYR A 4 -3.30 -0.65 -2.48
C TYR A 4 -2.38 -1.09 -3.60
N THR A 5 -1.34 -1.84 -3.25
CA THR A 5 -0.39 -2.33 -4.23
C THR A 5 -0.62 -3.80 -4.55
N PRO A 6 -0.07 -4.25 -5.69
CA PRO A 6 -0.21 -5.64 -6.14
C PRO A 6 0.57 -6.62 -5.25
N PHE A 7 1.55 -6.09 -4.53
CA PHE A 7 2.37 -6.91 -3.65
C PHE A 7 1.86 -6.84 -2.21
N GLY A 8 1.29 -5.71 -1.84
CA GLY A 8 0.76 -5.55 -0.49
C GLY A 8 0.56 -4.09 -0.12
N LEU A 9 -0.55 -3.79 0.54
CA LEU A 9 -0.86 -2.43 0.96
C LEU A 9 0.29 -1.83 1.76
N ILE A 10 0.65 -0.60 1.44
CA ILE A 10 1.73 0.10 2.13
C ILE A 10 1.31 1.50 2.56
N CYS A 11 1.79 1.92 3.72
CA CYS A 11 1.46 3.24 4.25
C CYS A 11 2.72 4.00 4.63
N PHE A 12 2.70 5.31 4.42
CA PHE A 12 3.85 6.16 4.74
C PHE A 12 3.39 7.49 5.33
N GLY A 1 -2.50 8.69 2.26
CA GLY A 1 -2.05 7.82 3.33
C GLY A 1 -1.54 6.48 2.82
N CYS A 2 -2.40 5.46 2.88
CA CYS A 2 -2.04 4.13 2.42
C CYS A 2 -2.49 3.91 0.97
N HIS A 3 -1.80 3.00 0.28
CA HIS A 3 -2.14 2.70 -1.11
C HIS A 3 -2.19 1.19 -1.33
N TYR A 4 -3.15 0.75 -2.15
CA TYR A 4 -3.31 -0.67 -2.45
C TYR A 4 -2.39 -1.10 -3.58
N THR A 5 -1.34 -1.84 -3.24
CA THR A 5 -0.38 -2.32 -4.24
C THR A 5 -0.62 -3.78 -4.56
N PRO A 6 -0.08 -4.23 -5.70
CA PRO A 6 -0.21 -5.61 -6.16
C PRO A 6 0.58 -6.59 -5.29
N PHE A 7 1.56 -6.06 -4.56
CA PHE A 7 2.40 -6.88 -3.69
C PHE A 7 1.89 -6.84 -2.25
N GLY A 8 1.31 -5.70 -1.87
CA GLY A 8 0.79 -5.55 -0.53
C GLY A 8 0.59 -4.10 -0.13
N LEU A 9 -0.52 -3.82 0.54
CA LEU A 9 -0.83 -2.45 0.97
C LEU A 9 0.32 -1.85 1.76
N ILE A 10 0.68 -0.62 1.45
CA ILE A 10 1.76 0.08 2.14
C ILE A 10 1.33 1.47 2.58
N CYS A 11 1.81 1.88 3.75
CA CYS A 11 1.49 3.21 4.28
C CYS A 11 2.74 3.97 4.66
N PHE A 12 2.71 5.28 4.47
CA PHE A 12 3.85 6.13 4.78
C PHE A 12 3.40 7.46 5.37
N GLY A 1 -1.00 8.86 3.33
CA GLY A 1 -2.00 7.82 3.44
C GLY A 1 -1.50 6.46 2.96
N CYS A 2 -2.40 5.50 2.84
CA CYS A 2 -2.05 4.16 2.39
C CYS A 2 -2.50 3.93 0.96
N HIS A 3 -1.82 3.02 0.26
CA HIS A 3 -2.16 2.72 -1.12
C HIS A 3 -2.21 1.21 -1.34
N TYR A 4 -3.15 0.77 -2.17
CA TYR A 4 -3.32 -0.65 -2.46
C TYR A 4 -2.39 -1.08 -3.59
N THR A 5 -1.35 -1.84 -3.25
CA THR A 5 -0.39 -2.30 -4.23
C THR A 5 -0.63 -3.78 -4.56
N PRO A 6 -0.09 -4.23 -5.71
CA PRO A 6 -0.22 -5.62 -6.15
C PRO A 6 0.58 -6.58 -5.28
N PHE A 7 1.55 -6.05 -4.55
CA PHE A 7 2.38 -6.87 -3.68
C PHE A 7 1.87 -6.83 -2.24
N GLY A 8 1.29 -5.69 -1.86
CA GLY A 8 0.77 -5.54 -0.51
C GLY A 8 0.56 -4.09 -0.13
N LEU A 9 -0.54 -3.80 0.54
CA LEU A 9 -0.86 -2.43 0.96
C LEU A 9 0.30 -1.84 1.76
N ILE A 10 0.65 -0.60 1.44
CA ILE A 10 1.73 0.10 2.13
C ILE A 10 1.32 1.49 2.56
N CYS A 11 1.79 1.91 3.74
CA CYS A 11 1.45 3.23 4.26
C CYS A 11 2.72 4.00 4.65
N PHE A 12 2.70 5.31 4.46
CA PHE A 12 3.84 6.15 4.78
C PHE A 12 3.38 7.49 5.34
N GLY A 1 -2.45 7.78 4.77
CA GLY A 1 -2.01 7.82 3.40
C GLY A 1 -1.49 6.49 2.91
N CYS A 2 -2.39 5.51 2.82
CA CYS A 2 -2.02 4.17 2.37
C CYS A 2 -2.48 3.94 0.93
N HIS A 3 -1.79 3.04 0.24
CA HIS A 3 -2.13 2.72 -1.14
C HIS A 3 -2.19 1.21 -1.36
N TYR A 4 -3.14 0.77 -2.17
CA TYR A 4 -3.31 -0.65 -2.46
C TYR A 4 -2.38 -1.08 -3.60
N THR A 5 -1.35 -1.84 -3.25
CA THR A 5 -0.40 -2.33 -4.24
C THR A 5 -0.62 -3.79 -4.54
N PRO A 6 -0.09 -4.25 -5.69
CA PRO A 6 -0.22 -5.63 -6.13
C PRO A 6 0.57 -6.60 -5.26
N PHE A 7 1.54 -6.08 -4.53
CA PHE A 7 2.37 -6.90 -3.66
C PHE A 7 1.87 -6.84 -2.22
N GLY A 8 1.29 -5.70 -1.84
CA GLY A 8 0.78 -5.53 -0.49
C GLY A 8 0.58 -4.07 -0.13
N LEU A 9 -0.53 -3.78 0.55
CA LEU A 9 -0.84 -2.42 0.96
C LEU A 9 0.31 -1.82 1.76
N ILE A 10 0.67 -0.58 1.44
CA ILE A 10 1.76 0.10 2.12
C ILE A 10 1.34 1.51 2.55
N CYS A 11 1.81 1.93 3.72
CA CYS A 11 1.49 3.25 4.24
C CYS A 11 2.75 4.01 4.61
N PHE A 12 2.73 5.33 4.40
CA PHE A 12 3.88 6.17 4.71
C PHE A 12 3.42 7.53 5.25
N GLY A 1 -2.83 8.56 2.32
CA GLY A 1 -2.01 7.85 3.29
C GLY A 1 -1.52 6.51 2.78
N CYS A 2 -2.36 5.49 2.90
CA CYS A 2 -2.01 4.14 2.44
C CYS A 2 -2.47 3.93 1.00
N HIS A 3 -1.80 3.02 0.30
CA HIS A 3 -2.14 2.72 -1.08
C HIS A 3 -2.19 1.21 -1.31
N TYR A 4 -3.14 0.78 -2.13
CA TYR A 4 -3.31 -0.64 -2.42
C TYR A 4 -2.39 -1.07 -3.57
N THR A 5 -1.35 -1.82 -3.23
CA THR A 5 -0.39 -2.30 -4.23
C THR A 5 -0.63 -3.76 -4.55
N PRO A 6 -0.09 -4.21 -5.70
CA PRO A 6 -0.23 -5.59 -6.16
C PRO A 6 0.56 -6.57 -5.29
N PHE A 7 1.55 -6.05 -4.56
CA PHE A 7 2.38 -6.87 -3.69
C PHE A 7 1.87 -6.82 -2.26
N GLY A 8 1.29 -5.69 -1.87
CA GLY A 8 0.79 -5.54 -0.52
C GLY A 8 0.58 -4.09 -0.14
N LEU A 9 -0.52 -3.80 0.54
CA LEU A 9 -0.83 -2.44 0.97
C LEU A 9 0.33 -1.85 1.77
N ILE A 10 0.69 -0.61 1.45
CA ILE A 10 1.77 0.07 2.14
C ILE A 10 1.35 1.47 2.58
N CYS A 11 1.84 1.89 3.75
CA CYS A 11 1.51 3.21 4.29
C CYS A 11 2.78 3.96 4.67
N PHE A 12 2.75 5.27 4.46
CA PHE A 12 3.90 6.11 4.78
C PHE A 12 3.45 7.46 5.35
N GLY A 1 -2.03 7.94 4.76
CA GLY A 1 -2.05 7.84 3.31
C GLY A 1 -1.54 6.50 2.83
N CYS A 2 -2.42 5.50 2.81
CA CYS A 2 -2.05 4.17 2.36
C CYS A 2 -2.50 3.93 0.91
N HIS A 3 -1.82 3.02 0.23
CA HIS A 3 -2.15 2.71 -1.16
C HIS A 3 -2.19 1.19 -1.37
N TYR A 4 -3.14 0.75 -2.18
CA TYR A 4 -3.30 -0.68 -2.46
C TYR A 4 -2.38 -1.12 -3.59
N THR A 5 -1.34 -1.85 -3.25
CA THR A 5 -0.38 -2.34 -4.23
C THR A 5 -0.61 -3.81 -4.54
N PRO A 6 -0.07 -4.27 -5.68
CA PRO A 6 -0.20 -5.66 -6.13
C PRO A 6 0.60 -6.62 -5.25
N PHE A 7 1.58 -6.08 -4.52
CA PHE A 7 2.41 -6.90 -3.65
C PHE A 7 1.90 -6.84 -2.20
N GLY A 8 1.32 -5.70 -1.83
CA GLY A 8 0.80 -5.54 -0.49
C GLY A 8 0.59 -4.08 -0.12
N LEU A 9 -0.52 -3.80 0.55
CA LEU A 9 -0.84 -2.43 0.96
C LEU A 9 0.32 -1.82 1.75
N ILE A 10 0.66 -0.58 1.44
CA ILE A 10 1.75 0.11 2.12
C ILE A 10 1.33 1.51 2.54
N CYS A 11 1.79 1.93 3.71
CA CYS A 11 1.46 3.26 4.23
C CYS A 11 2.73 4.02 4.61
N PHE A 12 2.71 5.34 4.39
CA PHE A 12 3.84 6.19 4.70
C PHE A 12 3.39 7.53 5.27
N GLY A 1 -1.30 8.92 2.93
CA GLY A 1 -2.08 7.80 3.43
C GLY A 1 -1.56 6.47 2.94
N CYS A 2 -2.45 5.47 2.86
CA CYS A 2 -2.07 4.14 2.41
C CYS A 2 -2.53 3.92 0.97
N HIS A 3 -1.83 3.01 0.28
CA HIS A 3 -2.16 2.70 -1.11
C HIS A 3 -2.21 1.20 -1.33
N TYR A 4 -3.16 0.76 -2.15
CA TYR A 4 -3.31 -0.67 -2.45
C TYR A 4 -2.39 -1.10 -3.58
N THR A 5 -1.34 -1.83 -3.24
CA THR A 5 -0.38 -2.31 -4.23
C THR A 5 -0.61 -3.78 -4.55
N PRO A 6 -0.06 -4.22 -5.69
CA PRO A 6 -0.19 -5.60 -6.14
C PRO A 6 0.61 -6.58 -5.28
N PHE A 7 1.58 -6.04 -4.55
CA PHE A 7 2.42 -6.86 -3.66
C PHE A 7 1.91 -6.81 -2.24
N GLY A 8 1.33 -5.69 -1.85
CA GLY A 8 0.80 -5.53 -0.50
C GLY A 8 0.60 -4.08 -0.13
N LEU A 9 -0.52 -3.80 0.55
CA LEU A 9 -0.84 -2.45 0.97
C LEU A 9 0.31 -1.83 1.77
N ILE A 10 0.66 -0.59 1.45
CA ILE A 10 1.73 0.10 2.14
C ILE A 10 1.30 1.49 2.58
N CYS A 11 1.78 1.91 3.75
CA CYS A 11 1.44 3.24 4.28
C CYS A 11 2.70 4.00 4.65
N PHE A 12 2.71 5.29 4.34
CA PHE A 12 3.86 6.15 4.64
C PHE A 12 3.40 7.51 5.16
N GLY A 1 -1.36 8.95 2.72
CA GLY A 1 -2.08 7.84 3.30
C GLY A 1 -1.57 6.50 2.80
N CYS A 2 -2.44 5.48 2.85
CA CYS A 2 -2.07 4.14 2.39
C CYS A 2 -2.53 3.92 0.96
N HIS A 3 -1.84 3.02 0.26
CA HIS A 3 -2.17 2.70 -1.12
C HIS A 3 -2.22 1.19 -1.34
N TYR A 4 -3.17 0.75 -2.17
CA TYR A 4 -3.32 -0.67 -2.47
C TYR A 4 -2.39 -1.09 -3.60
N THR A 5 -1.35 -1.85 -3.25
CA THR A 5 -0.39 -2.32 -4.25
C THR A 5 -0.63 -3.79 -4.57
N PRO A 6 -0.08 -4.24 -5.71
CA PRO A 6 -0.21 -5.63 -6.16
C PRO A 6 0.59 -6.59 -5.29
N PHE A 7 1.56 -6.06 -4.56
CA PHE A 7 2.39 -6.88 -3.68
C PHE A 7 1.88 -6.83 -2.25
N GLY A 8 1.30 -5.70 -1.87
CA GLY A 8 0.78 -5.55 -0.52
C GLY A 8 0.58 -4.09 -0.14
N LEU A 9 -0.53 -3.80 0.53
CA LEU A 9 -0.85 -2.44 0.96
C LEU A 9 0.30 -1.84 1.75
N ILE A 10 0.65 -0.60 1.43
CA ILE A 10 1.73 0.09 2.13
C ILE A 10 1.31 1.49 2.56
N CYS A 11 1.77 1.90 3.73
CA CYS A 11 1.44 3.23 4.26
C CYS A 11 2.71 3.99 4.65
N PHE A 12 2.67 5.30 4.45
CA PHE A 12 3.82 6.15 4.77
C PHE A 12 3.34 7.49 5.34
N GLY A 1 -1.36 8.92 2.87
CA GLY A 1 -2.10 7.80 3.42
C GLY A 1 -1.59 6.46 2.92
N CYS A 2 -2.46 5.46 2.89
CA CYS A 2 -2.08 4.14 2.44
C CYS A 2 -2.54 3.91 1.00
N HIS A 3 -1.85 3.02 0.30
CA HIS A 3 -2.18 2.70 -1.09
C HIS A 3 -2.22 1.19 -1.32
N TYR A 4 -3.16 0.75 -2.14
CA TYR A 4 -3.31 -0.67 -2.43
C TYR A 4 -2.39 -1.09 -3.57
N THR A 5 -1.34 -1.83 -3.24
CA THR A 5 -0.37 -2.30 -4.22
C THR A 5 -0.60 -3.77 -4.55
N PRO A 6 -0.05 -4.21 -5.70
CA PRO A 6 -0.18 -5.60 -6.15
C PRO A 6 0.63 -6.57 -5.28
N PHE A 7 1.60 -6.03 -4.54
CA PHE A 7 2.43 -6.84 -3.67
C PHE A 7 1.92 -6.80 -2.23
N GLY A 8 1.33 -5.68 -1.85
CA GLY A 8 0.81 -5.53 -0.50
C GLY A 8 0.59 -4.08 -0.12
N LEU A 9 -0.52 -3.80 0.55
CA LEU A 9 -0.83 -2.45 0.98
C LEU A 9 0.32 -1.83 1.78
N ILE A 10 0.65 -0.59 1.46
CA ILE A 10 1.74 0.10 2.15
C ILE A 10 1.30 1.50 2.59
N CYS A 11 1.77 1.92 3.76
CA CYS A 11 1.44 3.23 4.29
C CYS A 11 2.69 4.01 4.67
N PHE A 12 2.70 5.30 4.35
CA PHE A 12 3.84 6.16 4.65
C PHE A 12 3.38 7.52 5.14
N GLY A 1 -3.00 8.42 2.53
CA GLY A 1 -1.98 7.84 3.41
C GLY A 1 -1.48 6.49 2.91
N CYS A 2 -2.37 5.51 2.88
CA CYS A 2 -2.02 4.18 2.43
C CYS A 2 -2.48 3.95 0.99
N HIS A 3 -1.80 3.04 0.29
CA HIS A 3 -2.14 2.73 -1.09
C HIS A 3 -2.20 1.23 -1.31
N TYR A 4 -3.14 0.79 -2.14
CA TYR A 4 -3.31 -0.63 -2.44
C TYR A 4 -2.38 -1.06 -3.57
N THR A 5 -1.35 -1.83 -3.23
CA THR A 5 -0.40 -2.30 -4.21
C THR A 5 -0.63 -3.78 -4.54
N PRO A 6 -0.08 -4.23 -5.68
CA PRO A 6 -0.23 -5.61 -6.12
C PRO A 6 0.56 -6.58 -5.25
N PHE A 7 1.54 -6.06 -4.53
CA PHE A 7 2.37 -6.88 -3.65
C PHE A 7 1.85 -6.83 -2.21
N GLY A 8 1.28 -5.69 -1.84
CA GLY A 8 0.76 -5.54 -0.49
C GLY A 8 0.57 -4.08 -0.11
N LEU A 9 -0.54 -3.79 0.56
CA LEU A 9 -0.84 -2.42 0.98
C LEU A 9 0.31 -1.83 1.78
N ILE A 10 0.67 -0.58 1.46
CA ILE A 10 1.75 0.10 2.15
C ILE A 10 1.33 1.49 2.59
N CYS A 11 1.82 1.91 3.76
CA CYS A 11 1.49 3.23 4.28
C CYS A 11 2.77 3.99 4.66
N PHE A 12 2.76 5.29 4.41
CA PHE A 12 3.91 6.13 4.72
C PHE A 12 3.47 7.46 5.32
N GLY A 1 -1.00 8.64 3.83
CA GLY A 1 -2.07 7.86 3.24
C GLY A 1 -1.58 6.52 2.72
N CYS A 2 -2.42 5.50 2.87
CA CYS A 2 -2.07 4.16 2.42
C CYS A 2 -2.53 3.93 0.98
N HIS A 3 -1.85 3.02 0.28
CA HIS A 3 -2.19 2.71 -1.10
C HIS A 3 -2.22 1.20 -1.33
N TYR A 4 -3.18 0.76 -2.13
CA TYR A 4 -3.32 -0.66 -2.43
C TYR A 4 -2.40 -1.08 -3.56
N THR A 5 -1.35 -1.82 -3.22
CA THR A 5 -0.40 -2.29 -4.22
C THR A 5 -0.61 -3.76 -4.54
N PRO A 6 -0.07 -4.21 -5.68
CA PRO A 6 -0.19 -5.60 -6.14
C PRO A 6 0.61 -6.56 -5.26
N PHE A 7 1.58 -6.02 -4.53
CA PHE A 7 2.43 -6.84 -3.66
C PHE A 7 1.92 -6.80 -2.22
N GLY A 8 1.32 -5.66 -1.85
CA GLY A 8 0.80 -5.51 -0.50
C GLY A 8 0.59 -4.06 -0.12
N LEU A 9 -0.52 -3.79 0.55
CA LEU A 9 -0.85 -2.43 0.97
C LEU A 9 0.30 -1.82 1.77
N ILE A 10 0.64 -0.58 1.45
CA ILE A 10 1.72 0.13 2.14
C ILE A 10 1.28 1.52 2.57
N CYS A 11 1.75 1.95 3.74
CA CYS A 11 1.41 3.27 4.27
C CYS A 11 2.67 4.05 4.63
N PHE A 12 2.71 5.31 4.21
CA PHE A 12 3.86 6.16 4.48
C PHE A 12 3.42 7.58 4.84
N GLY A 1 -0.51 7.87 5.13
CA GLY A 1 -1.18 7.51 3.89
C GLY A 1 -0.72 6.18 3.34
N CYS A 2 -1.67 5.29 3.06
CA CYS A 2 -1.36 3.97 2.53
C CYS A 2 -1.78 3.86 1.06
N HIS A 3 -1.14 2.94 0.34
CA HIS A 3 -1.45 2.73 -1.07
C HIS A 3 -1.67 1.25 -1.36
N TYR A 4 -2.66 0.96 -2.21
CA TYR A 4 -2.97 -0.42 -2.56
C TYR A 4 -2.04 -0.91 -3.68
N THR A 5 -1.17 -1.85 -3.32
CA THR A 5 -0.22 -2.40 -4.28
C THR A 5 -0.61 -3.83 -4.67
N PRO A 6 -0.06 -4.30 -5.80
CA PRO A 6 -0.34 -5.66 -6.30
C PRO A 6 0.28 -6.73 -5.43
N PHE A 7 1.28 -6.35 -4.63
CA PHE A 7 1.96 -7.29 -3.74
C PHE A 7 1.39 -7.21 -2.33
N GLY A 8 0.94 -6.02 -1.94
CA GLY A 8 0.37 -5.84 -0.61
C GLY A 8 0.35 -4.38 -0.20
N LEU A 9 -0.75 -3.97 0.43
CA LEU A 9 -0.90 -2.60 0.88
C LEU A 9 0.27 -2.17 1.75
N ILE A 10 0.81 -0.99 1.48
CA ILE A 10 1.93 -0.46 2.24
C ILE A 10 1.68 0.97 2.68
N CYS A 11 2.16 1.31 3.88
CA CYS A 11 1.99 2.65 4.42
C CYS A 11 3.33 3.28 4.76
N PHE A 12 3.39 4.60 4.72
CA PHE A 12 4.62 5.33 5.02
C PHE A 12 4.35 6.51 5.96
N GLY A 1 -1.46 8.44 2.94
CA GLY A 1 -1.15 7.47 3.97
C GLY A 1 -0.69 6.14 3.40
N CYS A 2 -1.63 5.25 3.15
CA CYS A 2 -1.32 3.93 2.60
C CYS A 2 -1.76 3.82 1.14
N HIS A 3 -1.12 2.92 0.40
CA HIS A 3 -1.44 2.72 -1.00
C HIS A 3 -1.66 1.24 -1.30
N TYR A 4 -2.65 0.96 -2.15
CA TYR A 4 -2.97 -0.41 -2.52
C TYR A 4 -2.05 -0.90 -3.64
N THR A 5 -1.17 -1.84 -3.30
CA THR A 5 -0.24 -2.39 -4.27
C THR A 5 -0.63 -3.80 -4.67
N PRO A 6 -0.09 -4.27 -5.81
CA PRO A 6 -0.37 -5.62 -6.31
C PRO A 6 0.26 -6.72 -5.46
N PHE A 7 1.25 -6.32 -4.66
CA PHE A 7 1.94 -7.27 -3.79
C PHE A 7 1.38 -7.21 -2.38
N GLY A 8 0.94 -6.02 -1.97
CA GLY A 8 0.39 -5.85 -0.64
C GLY A 8 0.36 -4.40 -0.21
N LEU A 9 -0.73 -3.99 0.43
CA LEU A 9 -0.88 -2.62 0.90
C LEU A 9 0.31 -2.20 1.76
N ILE A 10 0.83 -1.01 1.50
CA ILE A 10 1.98 -0.49 2.24
C ILE A 10 1.72 0.94 2.71
N CYS A 11 2.21 1.26 3.90
CA CYS A 11 2.04 2.60 4.46
C CYS A 11 3.38 3.22 4.79
N PHE A 12 3.45 4.55 4.76
CA PHE A 12 4.67 5.27 5.06
C PHE A 12 4.40 6.43 6.01
N GLY A 1 -0.96 8.76 3.62
CA GLY A 1 -2.04 7.82 3.39
C GLY A 1 -1.52 6.47 2.89
N CYS A 2 -2.41 5.48 2.84
CA CYS A 2 -2.05 4.15 2.39
C CYS A 2 -2.50 3.92 0.95
N HIS A 3 -1.81 3.02 0.26
CA HIS A 3 -2.13 2.70 -1.13
C HIS A 3 -2.19 1.20 -1.35
N TYR A 4 -3.15 0.77 -2.17
CA TYR A 4 -3.32 -0.65 -2.46
C TYR A 4 -2.40 -1.09 -3.60
N THR A 5 -1.34 -1.82 -3.26
CA THR A 5 -0.40 -2.30 -4.25
C THR A 5 -0.62 -3.78 -4.55
N PRO A 6 -0.09 -4.23 -5.71
CA PRO A 6 -0.21 -5.62 -6.14
C PRO A 6 0.60 -6.57 -5.27
N PHE A 7 1.56 -6.03 -4.53
CA PHE A 7 2.41 -6.83 -3.66
C PHE A 7 1.90 -6.79 -2.23
N GLY A 8 1.30 -5.67 -1.84
CA GLY A 8 0.78 -5.52 -0.50
C GLY A 8 0.57 -4.08 -0.11
N LEU A 9 -0.55 -3.80 0.55
CA LEU A 9 -0.87 -2.43 0.98
C LEU A 9 0.29 -1.85 1.80
N ILE A 10 0.65 -0.61 1.48
CA ILE A 10 1.73 0.06 2.19
C ILE A 10 1.31 1.47 2.61
N CYS A 11 1.78 1.90 3.78
CA CYS A 11 1.44 3.22 4.29
C CYS A 11 2.71 3.98 4.66
N PHE A 12 2.71 5.29 4.40
CA PHE A 12 3.86 6.14 4.71
C PHE A 12 3.41 7.48 5.27
N GLY A 1 -2.15 7.93 4.69
CA GLY A 1 -1.99 7.90 3.26
C GLY A 1 -1.50 6.55 2.75
N CYS A 2 -2.38 5.55 2.84
CA CYS A 2 -2.04 4.20 2.40
C CYS A 2 -2.50 3.97 0.96
N HIS A 3 -1.82 3.05 0.27
CA HIS A 3 -2.17 2.74 -1.11
C HIS A 3 -2.23 1.23 -1.32
N TYR A 4 -3.15 0.79 -2.17
CA TYR A 4 -3.31 -0.64 -2.46
C TYR A 4 -2.38 -1.06 -3.60
N THR A 5 -1.38 -1.87 -3.27
CA THR A 5 -0.43 -2.36 -4.26
C THR A 5 -0.64 -3.84 -4.55
N PRO A 6 -0.11 -4.30 -5.69
CA PRO A 6 -0.23 -5.70 -6.10
C PRO A 6 0.58 -6.64 -5.23
N PHE A 7 1.55 -6.08 -4.51
CA PHE A 7 2.41 -6.87 -3.63
C PHE A 7 1.90 -6.81 -2.18
N GLY A 8 1.30 -5.68 -1.83
CA GLY A 8 0.79 -5.52 -0.48
C GLY A 8 0.59 -4.06 -0.11
N LEU A 9 -0.52 -3.76 0.56
CA LEU A 9 -0.83 -2.40 0.97
C LEU A 9 0.32 -1.80 1.78
N ILE A 10 0.69 -0.56 1.45
CA ILE A 10 1.77 0.12 2.14
C ILE A 10 1.34 1.52 2.56
N CYS A 11 1.81 1.95 3.75
CA CYS A 11 1.48 3.27 4.25
C CYS A 11 2.74 4.04 4.63
N PHE A 12 2.72 5.34 4.41
CA PHE A 12 3.87 6.19 4.73
C PHE A 12 3.42 7.54 5.27
N GLY A 1 -1.77 7.43 5.26
CA GLY A 1 -1.30 7.55 3.91
C GLY A 1 -0.81 6.23 3.33
N CYS A 2 -1.75 5.31 3.13
CA CYS A 2 -1.41 3.99 2.60
C CYS A 2 -1.82 3.87 1.13
N HIS A 3 -1.17 2.97 0.40
CA HIS A 3 -1.46 2.77 -1.01
C HIS A 3 -1.67 1.29 -1.31
N TYR A 4 -2.66 1.00 -2.16
CA TYR A 4 -2.97 -0.37 -2.53
C TYR A 4 -2.03 -0.87 -3.63
N THR A 5 -1.15 -1.80 -3.28
CA THR A 5 -0.20 -2.34 -4.23
C THR A 5 -0.58 -3.77 -4.63
N PRO A 6 -0.03 -4.24 -5.76
CA PRO A 6 -0.29 -5.59 -6.27
C PRO A 6 0.33 -6.66 -5.39
N PHE A 7 1.31 -6.28 -4.59
CA PHE A 7 2.00 -7.22 -3.71
C PHE A 7 1.42 -7.15 -2.30
N GLY A 8 0.97 -5.97 -1.91
CA GLY A 8 0.39 -5.79 -0.58
C GLY A 8 0.34 -4.34 -0.15
N LEU A 9 -0.76 -3.94 0.47
CA LEU A 9 -0.92 -2.57 0.93
C LEU A 9 0.25 -2.14 1.80
N ILE A 10 0.79 -0.95 1.54
CA ILE A 10 1.91 -0.42 2.31
C ILE A 10 1.64 1.01 2.76
N CYS A 11 2.11 1.35 3.95
CA CYS A 11 1.94 2.68 4.50
C CYS A 11 3.27 3.32 4.84
N PHE A 12 3.32 4.64 4.83
CA PHE A 12 4.54 5.37 5.14
C PHE A 12 4.22 6.73 5.77
N GLY A 1 -0.34 8.53 3.92
CA GLY A 1 -1.38 7.53 3.87
C GLY A 1 -0.89 6.22 3.26
N CYS A 2 -1.78 5.23 3.20
CA CYS A 2 -1.45 3.93 2.65
C CYS A 2 -1.84 3.84 1.18
N HIS A 3 -1.19 2.94 0.45
CA HIS A 3 -1.48 2.74 -0.96
C HIS A 3 -1.69 1.26 -1.28
N TYR A 4 -2.68 0.97 -2.12
CA TYR A 4 -2.99 -0.40 -2.49
C TYR A 4 -2.06 -0.87 -3.60
N THR A 5 -1.16 -1.80 -3.27
CA THR A 5 -0.22 -2.33 -4.23
C THR A 5 -0.59 -3.76 -4.64
N PRO A 6 -0.04 -4.22 -5.77
CA PRO A 6 -0.29 -5.56 -6.28
C PRO A 6 0.33 -6.64 -5.43
N PHE A 7 1.33 -6.26 -4.62
CA PHE A 7 2.01 -7.20 -3.76
C PHE A 7 1.44 -7.15 -2.34
N GLY A 8 0.97 -5.97 -1.93
CA GLY A 8 0.41 -5.81 -0.61
C GLY A 8 0.36 -4.36 -0.17
N LEU A 9 -0.74 -3.97 0.47
CA LEU A 9 -0.91 -2.60 0.94
C LEU A 9 0.27 -2.17 1.81
N ILE A 10 0.78 -0.98 1.55
CA ILE A 10 1.90 -0.45 2.32
C ILE A 10 1.63 0.98 2.78
N CYS A 11 2.11 1.30 3.98
CA CYS A 11 1.92 2.64 4.53
C CYS A 11 3.26 3.27 4.89
N PHE A 12 3.29 4.60 4.88
CA PHE A 12 4.51 5.34 5.19
C PHE A 12 4.18 6.67 5.85
N GLY A 1 -1.33 7.58 5.24
CA GLY A 1 -1.36 7.57 3.79
C GLY A 1 -0.88 6.26 3.21
N CYS A 2 -1.78 5.28 3.13
CA CYS A 2 -1.44 3.97 2.59
C CYS A 2 -1.84 3.87 1.13
N HIS A 3 -1.19 2.96 0.40
CA HIS A 3 -1.47 2.76 -1.02
C HIS A 3 -1.68 1.28 -1.32
N TYR A 4 -2.68 0.98 -2.16
CA TYR A 4 -2.99 -0.39 -2.52
C TYR A 4 -2.06 -0.87 -3.64
N THR A 5 -1.16 -1.79 -3.27
CA THR A 5 -0.21 -2.34 -4.24
C THR A 5 -0.59 -3.76 -4.64
N PRO A 6 -0.03 -4.23 -5.77
CA PRO A 6 -0.30 -5.57 -6.28
C PRO A 6 0.32 -6.66 -5.41
N PHE A 7 1.31 -6.27 -4.60
CA PHE A 7 1.99 -7.21 -3.73
C PHE A 7 1.42 -7.15 -2.31
N GLY A 8 0.96 -5.97 -1.92
CA GLY A 8 0.39 -5.80 -0.60
C GLY A 8 0.34 -4.34 -0.16
N LEU A 9 -0.77 -3.95 0.46
CA LEU A 9 -0.93 -2.59 0.93
C LEU A 9 0.24 -2.15 1.81
N ILE A 10 0.76 -0.97 1.54
CA ILE A 10 1.88 -0.44 2.31
C ILE A 10 1.62 0.99 2.76
N CYS A 11 2.09 1.33 3.96
CA CYS A 11 1.90 2.67 4.51
C CYS A 11 3.24 3.31 4.86
N PHE A 12 3.28 4.63 4.84
CA PHE A 12 4.50 5.36 5.15
C PHE A 12 4.18 6.71 5.79
#